data_8OSZ
#
_entry.id   8OSZ
#
_cell.length_a   74.328
_cell.length_b   95.374
_cell.length_c   86.479
_cell.angle_alpha   90.000
_cell.angle_beta   90.000
_cell.angle_gamma   90.000
#
_symmetry.space_group_name_H-M   'C 2 2 21'
#
loop_
_entity.id
_entity.type
_entity.pdbx_description
1 polymer GdmF
2 non-polymer 3-aminophenol
3 non-polymer DI(HYDROXYETHYL)ETHER
4 non-polymer 'ACETATE ION'
5 water water
#
_entity_poly.entity_id   1
_entity_poly.type   'polypeptide(L)'
_entity_poly.pdbx_seq_one_letter_code
;HHHHHHMFDVAKYLRRIGVEGTPPPTLDTLRHLHKRHLMAVPYDNSTAPDRLPASRHLTNVPLDLVFGHVVTEGHGGV
(CSO)YELNRLFHTLLAELGYDVRMVAAAVRQANGTFGPEREHTFDLVHLDGRTHLVDVGFPGPSYSEPLYLSEEEQHQY
G(CSO)SYRVTEHDGYRVVERRPKGSDWQPVYRFRPELADPSGWDAVRLDSLDDYAQDSVLAGTTFRSRATDNGKIVLIG
RRYFTVEDGVERTKVLVKADEFQDVVDLILAGA
;
_entity_poly.pdbx_strand_id   A
#
# COMPACT_ATOMS: atom_id res chain seq x y z
N HIS A 6 -2.99 -8.55 -21.67
CA HIS A 6 -3.72 -9.80 -21.92
C HIS A 6 -3.34 -10.93 -20.95
N MET A 7 -2.24 -10.76 -20.22
CA MET A 7 -1.78 -11.80 -19.31
C MET A 7 -2.28 -11.61 -17.88
N PHE A 8 -2.81 -10.45 -17.55
CA PHE A 8 -3.49 -10.29 -16.28
C PHE A 8 -4.57 -11.34 -16.13
N ASP A 9 -4.56 -11.99 -14.97
CA ASP A 9 -5.44 -13.10 -14.70
C ASP A 9 -5.84 -13.06 -13.24
N VAL A 10 -7.12 -12.91 -13.00
CA VAL A 10 -7.66 -12.79 -11.66
C VAL A 10 -7.33 -14.00 -10.83
N ALA A 11 -7.55 -15.20 -11.40
CA ALA A 11 -7.39 -16.39 -10.61
C ALA A 11 -5.93 -16.56 -10.20
N LYS A 12 -5.02 -16.28 -11.10
CA LYS A 12 -3.61 -16.39 -10.78
C LYS A 12 -3.24 -15.39 -9.66
N TYR A 13 -3.81 -14.18 -9.72
CA TYR A 13 -3.56 -13.14 -8.70
C TYR A 13 -4.10 -13.56 -7.38
N LEU A 14 -5.34 -14.07 -7.36
CA LEU A 14 -5.93 -14.50 -6.13
C LEU A 14 -5.10 -15.61 -5.48
N ARG A 15 -4.64 -16.57 -6.30
CA ARG A 15 -3.80 -17.63 -5.74
C ARG A 15 -2.50 -17.06 -5.14
N ARG A 16 -1.93 -16.09 -5.81
N ARG A 16 -1.90 -16.07 -5.78
CA ARG A 16 -0.71 -15.44 -5.35
CA ARG A 16 -0.68 -15.46 -5.24
C ARG A 16 -0.89 -14.80 -3.96
C ARG A 16 -0.88 -14.82 -3.90
N ILE A 17 -2.08 -14.30 -3.64
CA ILE A 17 -2.35 -13.64 -2.38
C ILE A 17 -3.05 -14.52 -1.41
N GLY A 18 -3.30 -15.79 -1.76
CA GLY A 18 -3.87 -16.66 -0.79
C GLY A 18 -5.37 -16.56 -0.59
N VAL A 19 -6.11 -16.19 -1.62
CA VAL A 19 -7.55 -16.01 -1.55
C VAL A 19 -8.24 -17.05 -2.39
N GLU A 20 -9.24 -17.69 -1.79
CA GLU A 20 -9.99 -18.81 -2.40
C GLU A 20 -11.13 -18.38 -3.32
N GLY A 21 -11.19 -18.96 -4.51
CA GLY A 21 -12.45 -18.77 -5.29
C GLY A 21 -12.52 -17.36 -5.88
N THR A 22 -13.73 -16.91 -6.14
CA THR A 22 -13.98 -15.57 -6.68
C THR A 22 -14.96 -14.94 -5.69
N PRO A 23 -14.47 -14.41 -4.58
CA PRO A 23 -15.34 -13.99 -3.50
C PRO A 23 -16.25 -12.84 -3.91
N PRO A 24 -17.38 -12.68 -3.25
CA PRO A 24 -18.42 -11.78 -3.73
C PRO A 24 -18.06 -10.31 -3.53
N PRO A 25 -18.63 -9.41 -4.29
CA PRO A 25 -18.17 -7.97 -4.31
C PRO A 25 -18.74 -7.20 -3.15
N THR A 26 -18.30 -7.51 -1.94
CA THR A 26 -18.81 -6.97 -0.70
C THR A 26 -17.68 -6.31 0.09
N LEU A 27 -18.05 -5.61 1.16
CA LEU A 27 -17.08 -4.98 2.03
C LEU A 27 -16.24 -6.04 2.75
N ASP A 28 -16.84 -7.13 3.20
CA ASP A 28 -16.07 -8.18 3.84
CA ASP A 28 -16.12 -8.24 3.81
C ASP A 28 -15.02 -8.75 2.90
N THR A 29 -15.35 -8.97 1.64
CA THR A 29 -14.36 -9.43 0.69
C THR A 29 -13.25 -8.38 0.53
N LEU A 30 -13.63 -7.11 0.37
CA LEU A 30 -12.65 -6.06 0.13
C LEU A 30 -11.64 -6.01 1.29
N ARG A 31 -12.14 -6.13 2.52
CA ARG A 31 -11.25 -6.12 3.68
C ARG A 31 -10.28 -7.27 3.63
N HIS A 32 -10.77 -8.46 3.27
CA HIS A 32 -9.92 -9.64 3.20
C HIS A 32 -8.90 -9.53 2.11
N LEU A 33 -9.30 -9.10 0.93
CA LEU A 33 -8.37 -8.95 -0.17
C LEU A 33 -7.25 -7.96 0.18
N HIS A 34 -7.61 -6.88 0.83
CA HIS A 34 -6.66 -5.81 1.18
C HIS A 34 -5.59 -6.36 2.12
N LYS A 35 -6.05 -6.99 3.19
CA LYS A 35 -5.09 -7.53 4.17
CA LYS A 35 -5.10 -7.54 4.17
C LYS A 35 -4.25 -8.63 3.58
N ARG A 36 -4.86 -9.56 2.85
CA ARG A 36 -4.10 -10.64 2.24
C ARG A 36 -3.06 -10.12 1.28
N HIS A 37 -3.40 -9.10 0.49
CA HIS A 37 -2.45 -8.55 -0.45
C HIS A 37 -1.24 -7.98 0.29
N LEU A 38 -1.48 -7.23 1.36
CA LEU A 38 -0.38 -6.62 2.12
C LEU A 38 0.46 -7.68 2.82
N MET A 39 -0.10 -8.80 3.21
CA MET A 39 0.64 -9.88 3.85
C MET A 39 1.45 -10.65 2.82
N ALA A 40 0.96 -10.84 1.60
CA ALA A 40 1.58 -11.72 0.62
C ALA A 40 2.48 -11.02 -0.36
N VAL A 41 2.30 -9.74 -0.65
CA VAL A 41 3.00 -9.01 -1.68
C VAL A 41 3.74 -7.87 -0.99
N PRO A 42 5.06 -7.99 -0.79
CA PRO A 42 5.82 -6.97 -0.07
C PRO A 42 5.96 -5.74 -0.89
N TYR A 43 6.13 -4.60 -0.21
CA TYR A 43 6.58 -3.40 -0.85
C TYR A 43 8.11 -3.61 -1.02
N ASP A 44 8.67 -3.32 -2.18
CA ASP A 44 10.12 -3.41 -2.39
C ASP A 44 10.48 -2.47 -3.50
N ASN A 45 11.33 -1.48 -3.22
CA ASN A 45 11.80 -0.60 -4.29
C ASN A 45 13.16 -0.96 -4.86
N SER A 46 13.65 -2.13 -4.55
CA SER A 46 15.04 -2.52 -4.87
CA SER A 46 15.07 -2.33 -4.85
C SER A 46 15.35 -2.41 -6.34
N THR A 47 14.43 -2.89 -7.18
CA THR A 47 14.61 -2.92 -8.64
C THR A 47 13.62 -2.03 -9.37
N ALA A 48 12.92 -1.17 -8.67
CA ALA A 48 11.98 -0.26 -9.30
C ALA A 48 12.61 0.52 -10.44
N PRO A 49 13.84 1.06 -10.33
CA PRO A 49 14.41 1.86 -11.45
C PRO A 49 14.55 1.06 -12.71
N ASP A 50 14.76 -0.24 -12.58
CA ASP A 50 14.98 -1.07 -13.76
C ASP A 50 13.73 -1.18 -14.61
N ARG A 51 12.56 -0.94 -14.03
CA ARG A 51 11.32 -1.08 -14.76
C ARG A 51 10.79 0.26 -15.24
N LEU A 52 11.48 1.35 -14.99
CA LEU A 52 10.98 2.66 -15.38
C LEU A 52 11.06 2.82 -16.91
N PRO A 53 10.12 3.56 -17.49
CA PRO A 53 10.20 3.84 -18.93
C PRO A 53 10.88 5.18 -19.21
N ALA A 54 11.71 5.19 -20.26
CA ALA A 54 12.29 6.43 -20.75
C ALA A 54 11.20 7.49 -20.96
N SER A 55 10.01 7.04 -21.34
CA SER A 55 8.89 7.95 -21.58
C SER A 55 8.48 8.76 -20.35
N ARG A 56 8.70 8.24 -19.15
CA ARG A 56 8.17 8.82 -17.92
C ARG A 56 6.64 8.75 -17.85
N HIS A 57 5.96 8.13 -18.81
CA HIS A 57 4.52 7.91 -18.72
C HIS A 57 4.25 6.49 -18.29
N LEU A 58 3.43 6.32 -17.23
CA LEU A 58 3.19 4.99 -16.68
C LEU A 58 2.58 4.05 -17.72
N THR A 59 1.73 4.58 -18.60
CA THR A 59 1.10 3.75 -19.63
C THR A 59 2.12 3.06 -20.53
N ASN A 60 3.35 3.58 -20.63
CA ASN A 60 4.31 2.86 -21.46
C ASN A 60 5.02 1.74 -20.71
N VAL A 61 4.47 1.37 -19.55
CA VAL A 61 4.91 0.23 -18.76
C VAL A 61 3.73 -0.75 -18.90
N PRO A 62 3.85 -1.74 -19.76
CA PRO A 62 2.75 -2.66 -19.96
C PRO A 62 2.30 -3.28 -18.64
N LEU A 63 1.02 -3.30 -18.39
CA LEU A 63 0.55 -3.90 -17.14
C LEU A 63 1.00 -5.34 -17.02
N ASP A 64 1.14 -6.05 -18.15
CA ASP A 64 1.62 -7.41 -18.09
C ASP A 64 3.05 -7.55 -17.59
N LEU A 65 3.88 -6.55 -17.82
CA LEU A 65 5.23 -6.58 -17.29
C LEU A 65 5.20 -6.56 -15.78
N VAL A 66 4.38 -5.65 -15.22
CA VAL A 66 4.25 -5.53 -13.76
CA VAL A 66 4.33 -5.57 -13.75
C VAL A 66 3.60 -6.76 -13.17
N PHE A 67 2.57 -7.25 -13.85
CA PHE A 67 1.92 -8.50 -13.42
C PHE A 67 2.91 -9.66 -13.37
N GLY A 68 3.73 -9.76 -14.40
CA GLY A 68 4.69 -10.85 -14.42
C GLY A 68 5.72 -10.75 -13.30
N HIS A 69 6.21 -9.54 -13.03
CA HIS A 69 7.17 -9.35 -11.95
C HIS A 69 6.57 -9.69 -10.59
N VAL A 70 5.36 -9.18 -10.32
CA VAL A 70 4.77 -9.26 -8.98
C VAL A 70 4.04 -10.57 -8.77
N VAL A 71 3.11 -10.89 -9.70
CA VAL A 71 2.25 -12.07 -9.55
C VAL A 71 2.97 -13.33 -10.02
N THR A 72 3.40 -13.37 -11.28
CA THR A 72 3.95 -14.62 -11.81
C THR A 72 5.26 -14.98 -11.11
N GLU A 73 6.14 -14.01 -10.95
CA GLU A 73 7.47 -14.25 -10.40
C GLU A 73 7.56 -14.08 -8.89
N GLY A 74 6.56 -13.49 -8.25
CA GLY A 74 6.55 -13.50 -6.81
C GLY A 74 7.31 -12.39 -6.14
N HIS A 75 7.60 -11.34 -6.84
CA HIS A 75 8.36 -10.27 -6.23
C HIS A 75 7.45 -9.18 -5.69
N GLY A 76 8.05 -8.24 -4.99
CA GLY A 76 7.35 -7.04 -4.55
C GLY A 76 7.47 -5.89 -5.54
N GLY A 77 6.99 -4.73 -5.15
CA GLY A 77 7.00 -3.57 -6.02
C GLY A 77 6.69 -2.32 -5.26
N VAL A 78 6.50 -1.24 -5.99
CA VAL A 78 6.25 0.08 -5.41
C VAL A 78 4.82 0.56 -5.57
N TYR A 80 3.04 2.54 -7.47
CA TYR A 80 2.39 2.62 -8.80
C TYR A 80 2.38 1.26 -9.50
N GLU A 81 3.00 0.26 -8.88
CA GLU A 81 2.96 -1.11 -9.34
C GLU A 81 1.92 -1.90 -8.56
N LEU A 82 2.00 -1.88 -7.24
CA LEU A 82 1.10 -2.68 -6.41
C LEU A 82 -0.32 -2.14 -6.45
N ASN A 83 -0.51 -0.84 -6.28
CA ASN A 83 -1.86 -0.28 -6.33
C ASN A 83 -2.42 -0.28 -7.77
N ARG A 84 -1.58 -0.23 -8.78
CA ARG A 84 -2.05 -0.27 -10.15
C ARG A 84 -2.63 -1.66 -10.43
N LEU A 85 -1.90 -2.70 -10.05
CA LEU A 85 -2.39 -4.08 -10.16
C LEU A 85 -3.63 -4.27 -9.32
N PHE A 86 -3.65 -3.74 -8.08
CA PHE A 86 -4.79 -4.00 -7.20
C PHE A 86 -6.04 -3.30 -7.71
N HIS A 87 -5.90 -2.11 -8.27
CA HIS A 87 -7.02 -1.42 -8.90
C HIS A 87 -7.63 -2.31 -9.97
N THR A 88 -6.79 -2.90 -10.82
CA THR A 88 -7.27 -3.74 -11.92
C THR A 88 -7.99 -4.98 -11.35
N LEU A 89 -7.42 -5.60 -10.33
CA LEU A 89 -8.03 -6.76 -9.71
C LEU A 89 -9.40 -6.40 -9.16
N LEU A 90 -9.49 -5.31 -8.40
CA LEU A 90 -10.75 -4.88 -7.85
C LEU A 90 -11.78 -4.56 -8.92
N ALA A 91 -11.36 -3.92 -10.00
CA ALA A 91 -12.31 -3.61 -11.07
C ALA A 91 -12.82 -4.90 -11.71
N GLU A 92 -11.96 -5.86 -11.91
CA GLU A 92 -12.40 -7.13 -12.53
C GLU A 92 -13.25 -7.93 -11.57
N LEU A 93 -13.17 -7.72 -10.27
CA LEU A 93 -14.06 -8.30 -9.28
C LEU A 93 -15.33 -7.49 -9.05
N GLY A 94 -15.52 -6.40 -9.76
CA GLY A 94 -16.77 -5.70 -9.82
C GLY A 94 -16.85 -4.45 -8.98
N TYR A 95 -15.75 -3.99 -8.38
CA TYR A 95 -15.82 -2.81 -7.54
C TYR A 95 -15.69 -1.52 -8.36
N ASP A 96 -16.26 -0.46 -7.82
CA ASP A 96 -16.16 0.90 -8.37
C ASP A 96 -14.92 1.55 -7.76
N VAL A 97 -13.84 1.43 -8.45
CA VAL A 97 -12.53 1.85 -7.96
CA VAL A 97 -12.50 1.83 -8.00
C VAL A 97 -12.09 3.11 -8.69
N ARG A 98 -11.55 4.03 -7.91
CA ARG A 98 -11.16 5.38 -8.36
C ARG A 98 -9.70 5.64 -7.96
N MET A 99 -8.83 5.99 -8.88
CA MET A 99 -7.43 6.23 -8.54
C MET A 99 -7.26 7.62 -7.99
N VAL A 100 -6.41 7.75 -6.97
CA VAL A 100 -6.10 9.03 -6.33
C VAL A 100 -4.60 9.09 -6.08
N ALA A 101 -4.05 10.29 -5.99
CA ALA A 101 -2.66 10.47 -5.62
C ALA A 101 -2.54 11.35 -4.41
N ALA A 102 -1.45 11.14 -3.67
CA ALA A 102 -1.23 11.81 -2.40
C ALA A 102 0.21 12.32 -2.27
N ALA A 103 0.32 13.28 -1.34
CA ALA A 103 1.63 13.76 -0.90
C ALA A 103 1.93 13.16 0.46
N VAL A 104 3.14 12.66 0.62
CA VAL A 104 3.53 11.85 1.77
C VAL A 104 4.14 12.75 2.85
N ARG A 105 3.78 12.53 4.11
N ARG A 105 3.75 12.56 4.11
CA ARG A 105 4.39 13.27 5.23
CA ARG A 105 4.43 13.22 5.22
C ARG A 105 5.83 12.78 5.42
C ARG A 105 5.88 12.77 5.27
N GLN A 106 6.74 13.75 5.38
CA GLN A 106 8.17 13.51 5.49
C GLN A 106 8.59 13.56 6.96
N ALA A 107 9.80 13.05 7.22
CA ALA A 107 10.33 13.07 8.58
C ALA A 107 10.38 14.48 9.15
N ASN A 108 10.72 15.46 8.32
CA ASN A 108 10.72 16.83 8.80
C ASN A 108 9.37 17.46 8.99
N GLY A 109 8.25 16.74 8.80
CA GLY A 109 6.94 17.31 9.02
C GLY A 109 6.32 17.96 7.81
N THR A 110 7.08 18.18 6.74
CA THR A 110 6.47 18.72 5.55
C THR A 110 5.78 17.60 4.78
N PHE A 111 5.04 17.99 3.75
CA PHE A 111 4.54 17.01 2.77
C PHE A 111 5.37 17.11 1.50
N GLY A 112 5.65 15.97 0.88
CA GLY A 112 6.44 15.90 -0.33
C GLY A 112 5.66 16.26 -1.59
N PRO A 113 6.19 15.93 -2.76
CA PRO A 113 5.49 16.27 -4.01
C PRO A 113 4.04 15.78 -4.04
N GLU A 114 3.17 16.56 -4.67
CA GLU A 114 1.73 16.41 -4.50
C GLU A 114 1.15 15.08 -5.02
N ARG A 115 1.76 14.48 -6.01
CA ARG A 115 1.21 13.24 -6.54
C ARG A 115 2.18 12.10 -6.49
N GLU A 116 3.07 12.12 -5.51
CA GLU A 116 4.09 11.11 -5.40
C GLU A 116 3.49 9.73 -5.15
N HIS A 117 2.46 9.64 -4.30
CA HIS A 117 1.95 8.33 -3.83
C HIS A 117 0.60 8.01 -4.45
N THR A 118 0.55 6.96 -5.20
CA THR A 118 -0.67 6.62 -5.93
C THR A 118 -1.40 5.48 -5.20
N PHE A 119 -2.69 5.64 -5.00
CA PHE A 119 -3.54 4.60 -4.34
C PHE A 119 -4.96 4.72 -4.89
N ASP A 120 -5.94 4.11 -4.23
CA ASP A 120 -7.28 4.07 -4.78
C ASP A 120 -8.32 4.29 -3.69
N LEU A 121 -9.51 4.66 -4.14
CA LEU A 121 -10.73 4.69 -3.34
C LEU A 121 -11.72 3.70 -3.95
N VAL A 122 -12.58 3.09 -3.15
CA VAL A 122 -13.67 2.26 -3.64
C VAL A 122 -14.95 2.82 -3.06
N HIS A 123 -15.93 3.07 -3.94
CA HIS A 123 -17.26 3.46 -3.49
C HIS A 123 -18.17 2.25 -3.55
N LEU A 124 -18.72 1.89 -2.41
CA LEU A 124 -19.43 0.62 -2.30
C LEU A 124 -20.60 0.84 -1.37
N ASP A 125 -21.80 0.56 -1.85
CA ASP A 125 -22.99 0.54 -0.97
C ASP A 125 -23.15 1.90 -0.29
N GLY A 126 -22.91 2.98 -1.04
CA GLY A 126 -23.09 4.31 -0.49
C GLY A 126 -22.00 4.84 0.43
N ARG A 127 -20.88 4.14 0.54
CA ARG A 127 -19.78 4.60 1.37
C ARG A 127 -18.46 4.51 0.59
N THR A 128 -17.54 5.42 0.86
CA THR A 128 -16.22 5.39 0.22
C THR A 128 -15.14 4.89 1.17
N HIS A 129 -14.33 3.99 0.67
CA HIS A 129 -13.22 3.38 1.39
C HIS A 129 -11.90 3.70 0.72
N LEU A 130 -10.86 3.94 1.50
CA LEU A 130 -9.48 4.09 1.02
C LEU A 130 -8.86 2.72 0.94
N VAL A 131 -8.16 2.47 -0.14
N VAL A 131 -8.28 2.38 -0.21
CA VAL A 131 -7.54 1.19 -0.45
CA VAL A 131 -7.52 1.14 -0.37
C VAL A 131 -6.09 1.50 -0.79
C VAL A 131 -6.09 1.41 -0.83
N ASP A 132 -5.15 0.82 -0.12
CA ASP A 132 -3.73 1.11 -0.34
C ASP A 132 -2.91 -0.10 0.07
N VAL A 133 -2.49 -0.84 -0.91
CA VAL A 133 -1.64 -2.00 -0.70
C VAL A 133 -0.18 -1.76 -1.13
N GLY A 134 0.14 -0.49 -1.33
CA GLY A 134 1.41 -0.08 -1.90
C GLY A 134 2.06 1.05 -1.19
N PHE A 135 2.17 1.01 0.12
CA PHE A 135 2.76 2.11 0.92
C PHE A 135 3.81 1.46 1.81
N PRO A 136 5.04 1.99 1.84
CA PRO A 136 6.11 1.28 2.52
C PRO A 136 6.01 1.31 4.01
N GLY A 137 5.64 2.43 4.60
CA GLY A 137 5.72 2.68 6.02
C GLY A 137 4.53 2.20 6.80
N PRO A 138 4.48 2.46 8.10
CA PRO A 138 3.37 2.04 8.93
C PRO A 138 2.07 2.68 8.49
N SER A 139 1.06 1.84 8.19
CA SER A 139 -0.24 2.31 7.70
C SER A 139 -1.24 1.17 7.81
N TYR A 140 -2.46 1.41 7.28
CA TYR A 140 -3.62 0.58 7.55
C TYR A 140 -3.59 -0.72 6.75
N SER A 141 -3.82 -1.85 7.39
N SER A 141 -3.83 -1.82 7.44
CA SER A 141 -3.87 -3.08 6.59
CA SER A 141 -3.89 -3.15 6.84
C SER A 141 -5.28 -3.46 6.15
C SER A 141 -5.25 -3.48 6.23
N GLU A 142 -6.32 -2.79 6.62
CA GLU A 142 -7.66 -2.97 6.09
C GLU A 142 -8.14 -1.60 5.65
N PRO A 143 -9.08 -1.53 4.72
CA PRO A 143 -9.50 -0.23 4.19
C PRO A 143 -10.03 0.70 5.24
N LEU A 144 -9.78 2.00 5.05
CA LEU A 144 -10.37 3.01 5.90
C LEU A 144 -11.63 3.58 5.27
N TYR A 145 -12.55 4.03 6.08
CA TYR A 145 -13.66 4.83 5.58
C TYR A 145 -13.20 6.25 5.39
N LEU A 146 -13.69 6.93 4.36
CA LEU A 146 -13.34 8.32 4.10
C LEU A 146 -14.14 9.20 5.07
N SER A 147 -13.59 9.38 6.27
CA SER A 147 -14.32 10.03 7.37
C SER A 147 -13.33 10.46 8.43
N GLU A 148 -13.67 11.58 9.11
CA GLU A 148 -12.86 12.01 10.24
C GLU A 148 -13.17 11.21 11.50
N GLU A 149 -14.21 10.40 11.47
CA GLU A 149 -14.51 9.55 12.62
C GLU A 149 -13.38 8.57 12.86
N GLU A 150 -13.00 8.41 14.11
CA GLU A 150 -11.96 7.49 14.50
C GLU A 150 -12.33 6.06 14.15
N GLN A 151 -11.36 5.36 13.61
CA GLN A 151 -11.46 3.99 13.20
C GLN A 151 -10.36 3.24 13.86
N HIS A 152 -10.58 1.99 14.21
CA HIS A 152 -9.63 1.22 14.98
C HIS A 152 -9.37 -0.10 14.33
N GLN A 153 -8.11 -0.48 14.19
CA GLN A 153 -7.79 -1.74 13.62
C GLN A 153 -6.40 -2.16 14.10
N TYR A 154 -6.29 -3.42 14.48
CA TYR A 154 -5.04 -4.04 14.91
C TYR A 154 -4.29 -3.17 15.92
N GLY A 155 -4.97 -2.63 16.90
CA GLY A 155 -4.34 -1.89 17.97
C GLY A 155 -3.98 -0.49 17.69
N SER A 157 -5.26 3.40 15.84
CA SER A 157 -6.36 4.24 15.46
C SER A 157 -6.02 5.03 14.20
N TYR A 158 -7.03 5.32 13.40
CA TYR A 158 -6.91 6.09 12.16
C TYR A 158 -8.06 7.08 12.09
N ARG A 159 -7.84 8.15 11.34
CA ARG A 159 -8.91 9.09 11.00
C ARG A 159 -8.46 9.79 9.72
N VAL A 160 -9.44 10.31 8.99
CA VAL A 160 -9.14 10.99 7.73
C VAL A 160 -9.74 12.37 7.86
N THR A 161 -8.94 13.33 8.27
CA THR A 161 -9.40 14.68 8.61
C THR A 161 -9.36 15.54 7.37
N GLU A 162 -9.90 16.75 7.46
CA GLU A 162 -9.87 17.68 6.33
C GLU A 162 -9.11 18.92 6.74
N HIS A 163 -8.12 19.32 5.93
CA HIS A 163 -7.29 20.48 6.22
C HIS A 163 -6.93 21.14 4.90
N ASP A 164 -7.45 22.36 4.70
CA ASP A 164 -7.04 23.23 3.59
C ASP A 164 -7.21 22.57 2.23
N GLY A 165 -8.35 21.94 2.04
CA GLY A 165 -8.66 21.34 0.76
C GLY A 165 -8.10 19.95 0.56
N TYR A 166 -7.44 19.38 1.56
CA TYR A 166 -6.96 18.02 1.50
C TYR A 166 -7.64 17.17 2.54
N ARG A 167 -7.78 15.87 2.24
N ARG A 167 -7.78 15.87 2.22
CA ARG A 167 -8.06 14.89 3.27
CA ARG A 167 -8.04 14.84 3.22
C ARG A 167 -6.74 14.26 3.70
C ARG A 167 -6.69 14.30 3.70
N VAL A 168 -6.52 14.20 5.02
CA VAL A 168 -5.27 13.77 5.62
C VAL A 168 -5.51 12.45 6.36
N VAL A 169 -4.83 11.40 5.92
CA VAL A 169 -4.85 10.15 6.69
C VAL A 169 -3.91 10.33 7.87
N GLU A 170 -4.45 10.12 9.07
CA GLU A 170 -3.66 10.19 10.30
C GLU A 170 -3.75 8.85 11.05
N ARG A 171 -2.67 8.50 11.73
CA ARG A 171 -2.50 7.24 12.45
C ARG A 171 -2.02 7.49 13.85
N ARG A 172 -2.50 6.69 14.81
CA ARG A 172 -2.08 6.75 16.20
CA ARG A 172 -2.04 6.77 16.19
C ARG A 172 -1.87 5.36 16.75
N PRO A 173 -0.63 4.90 16.93
CA PRO A 173 -0.41 3.60 17.58
C PRO A 173 -0.50 3.79 19.10
N LYS A 174 -0.34 2.70 19.81
CA LYS A 174 -0.36 2.80 21.28
C LYS A 174 0.76 3.66 21.79
N GLY A 175 0.43 4.50 22.76
CA GLY A 175 1.45 5.25 23.46
C GLY A 175 2.05 6.41 22.72
N SER A 176 1.51 6.82 21.58
N SER A 176 1.51 6.80 21.56
CA SER A 176 2.12 7.85 20.78
CA SER A 176 2.09 7.84 20.74
C SER A 176 1.03 8.82 20.34
C SER A 176 1.01 8.84 20.37
N ASP A 177 1.42 9.97 19.77
CA ASP A 177 0.46 10.94 19.30
C ASP A 177 -0.01 10.61 17.87
N TRP A 178 -1.08 11.24 17.48
CA TRP A 178 -1.53 11.24 16.09
C TRP A 178 -0.44 11.77 15.20
N GLN A 179 -0.21 11.12 14.05
CA GLN A 179 0.73 11.60 13.05
C GLN A 179 0.14 11.42 11.66
N PRO A 180 0.25 12.42 10.79
CA PRO A 180 -0.19 12.23 9.40
C PRO A 180 0.65 11.20 8.70
N VAL A 181 0.02 10.49 7.77
CA VAL A 181 0.66 9.54 6.87
C VAL A 181 0.81 10.18 5.50
N TYR A 182 -0.29 10.64 4.89
CA TYR A 182 -0.27 11.30 3.61
C TYR A 182 -1.58 12.09 3.47
N ARG A 183 -1.61 12.95 2.45
CA ARG A 183 -2.76 13.81 2.21
C ARG A 183 -3.11 13.83 0.71
N PHE A 184 -4.40 13.99 0.41
CA PHE A 184 -4.82 13.91 -0.99
C PHE A 184 -6.08 14.73 -1.19
N ARG A 185 -6.36 15.08 -2.42
CA ARG A 185 -7.57 15.81 -2.76
C ARG A 185 -8.60 14.83 -3.25
N PRO A 186 -9.67 14.57 -2.51
CA PRO A 186 -10.57 13.50 -2.90
C PRO A 186 -11.28 13.78 -4.24
N GLU A 187 -11.54 15.05 -4.55
CA GLU A 187 -12.28 15.40 -5.76
C GLU A 187 -11.49 15.19 -7.02
N LEU A 188 -10.22 14.83 -6.93
CA LEU A 188 -9.44 14.50 -8.12
C LEU A 188 -9.42 13.01 -8.37
N ALA A 189 -10.12 12.23 -7.58
CA ALA A 189 -10.23 10.80 -7.84
C ALA A 189 -10.76 10.59 -9.26
N ASP A 190 -10.37 9.50 -9.91
CA ASP A 190 -10.71 9.30 -11.34
C ASP A 190 -10.70 7.81 -11.61
N PRO A 191 -11.79 7.25 -12.08
CA PRO A 191 -11.77 5.84 -12.46
C PRO A 191 -10.64 5.46 -13.40
N SER A 192 -10.26 6.37 -14.28
CA SER A 192 -9.21 6.19 -15.27
C SER A 192 -7.91 6.87 -14.92
N GLY A 193 -7.75 7.24 -13.67
CA GLY A 193 -6.58 8.00 -13.29
C GLY A 193 -5.22 7.33 -13.48
N TRP A 194 -5.17 5.99 -13.47
CA TRP A 194 -3.89 5.31 -13.69
C TRP A 194 -3.33 5.66 -15.05
N ASP A 195 -4.19 5.95 -16.02
CA ASP A 195 -3.73 6.24 -17.37
C ASP A 195 -2.95 7.54 -17.44
N ALA A 196 -3.11 8.44 -16.47
CA ALA A 196 -2.51 9.76 -16.48
C ALA A 196 -1.24 9.89 -15.63
N VAL A 197 -0.81 8.82 -14.98
CA VAL A 197 0.33 8.94 -14.06
C VAL A 197 1.61 9.19 -14.85
N ARG A 198 2.44 10.09 -14.33
CA ARG A 198 3.75 10.40 -14.88
C ARG A 198 4.80 10.07 -13.85
N LEU A 211 26.59 4.69 -4.56
CA LEU A 211 25.83 3.94 -3.57
C LEU A 211 24.38 3.81 -4.03
N ALA A 212 23.82 2.62 -3.87
CA ALA A 212 22.40 2.40 -4.16
C ALA A 212 21.53 3.36 -3.34
N GLY A 213 20.43 3.80 -3.94
CA GLY A 213 19.46 4.59 -3.20
C GLY A 213 18.85 3.81 -2.04
N THR A 214 18.23 4.56 -1.11
CA THR A 214 17.72 3.93 0.12
C THR A 214 16.65 2.91 -0.26
N THR A 215 16.82 1.74 0.23
CA THR A 215 15.88 0.67 -0.05
C THR A 215 14.77 0.65 1.02
N PHE A 216 13.53 0.45 0.54
N PHE A 216 13.53 0.45 0.54
CA PHE A 216 12.34 0.38 1.38
CA PHE A 216 12.34 0.38 1.38
C PHE A 216 11.69 -0.98 1.12
C PHE A 216 11.70 -0.98 1.12
N ARG A 217 11.48 -1.77 2.16
CA ARG A 217 10.83 -3.08 2.02
C ARG A 217 9.92 -3.27 3.23
N SER A 218 8.70 -3.79 3.02
CA SER A 218 7.80 -4.04 4.15
C SER A 218 6.73 -5.04 3.76
N ARG A 219 6.07 -5.56 4.77
CA ARG A 219 4.82 -6.31 4.52
C ARG A 219 4.02 -6.31 5.81
N ALA A 220 2.70 -6.58 5.66
CA ALA A 220 1.89 -6.82 6.83
C ALA A 220 2.16 -8.21 7.41
N THR A 221 1.80 -8.32 8.69
CA THR A 221 1.73 -9.56 9.44
C THR A 221 0.26 -9.77 9.84
N ASP A 222 -0.04 -10.84 10.56
CA ASP A 222 -1.40 -11.08 11.01
C ASP A 222 -1.91 -9.97 11.89
N ASN A 223 -1.07 -9.37 12.73
CA ASN A 223 -1.53 -8.37 13.68
C ASN A 223 -0.75 -7.06 13.59
N GLY A 224 -0.10 -6.80 12.47
CA GLY A 224 0.68 -5.56 12.39
C GLY A 224 1.42 -5.51 11.09
N LYS A 225 2.66 -4.97 11.14
CA LYS A 225 3.47 -4.72 9.96
C LYS A 225 4.94 -4.71 10.33
N ILE A 226 5.78 -5.14 9.40
CA ILE A 226 7.23 -5.09 9.53
C ILE A 226 7.75 -4.24 8.40
N VAL A 227 8.69 -3.35 8.73
CA VAL A 227 9.15 -2.34 7.78
C VAL A 227 10.68 -2.20 7.91
N LEU A 228 11.40 -2.25 6.82
CA LEU A 228 12.86 -2.05 6.83
C LEU A 228 13.16 -0.92 5.85
N ILE A 229 13.66 0.18 6.36
N ILE A 229 13.70 0.18 6.38
CA ILE A 229 14.08 1.30 5.50
CA ILE A 229 14.07 1.40 5.62
C ILE A 229 15.56 1.55 5.78
C ILE A 229 15.58 1.56 5.82
N GLY A 230 16.39 1.20 4.83
CA GLY A 230 17.82 1.20 5.08
C GLY A 230 18.12 0.20 6.16
N ARG A 231 18.81 0.59 7.24
CA ARG A 231 19.05 -0.29 8.37
C ARG A 231 17.96 -0.17 9.46
N ARG A 232 17.01 0.73 9.27
CA ARG A 232 15.98 1.01 10.30
C ARG A 232 14.85 -0.01 10.23
N TYR A 233 14.81 -0.91 11.22
CA TYR A 233 13.81 -1.95 11.26
C TYR A 233 12.70 -1.56 12.26
N PHE A 234 11.48 -1.57 11.80
CA PHE A 234 10.28 -1.23 12.58
C PHE A 234 9.35 -2.42 12.60
N THR A 235 8.76 -2.69 13.72
CA THR A 235 7.67 -3.65 13.83
C THR A 235 6.56 -3.03 14.66
N VAL A 236 5.33 -3.34 14.26
CA VAL A 236 4.16 -3.05 15.10
C VAL A 236 3.36 -4.33 15.23
N GLU A 237 2.99 -4.65 16.46
CA GLU A 237 2.24 -5.87 16.77
C GLU A 237 1.11 -5.48 17.72
N ASP A 238 -0.14 -5.65 17.26
CA ASP A 238 -1.28 -5.18 18.03
C ASP A 238 -1.11 -3.76 18.57
N GLY A 239 -0.54 -2.87 17.74
CA GLY A 239 -0.44 -1.48 18.05
C GLY A 239 0.81 -1.08 18.80
N VAL A 240 1.60 -2.04 19.24
CA VAL A 240 2.79 -1.79 20.04
C VAL A 240 4.01 -1.78 19.11
N GLU A 241 4.70 -0.66 19.07
CA GLU A 241 5.83 -0.48 18.15
C GLU A 241 7.18 -0.69 18.78
N ARG A 242 8.10 -1.25 18.00
CA ARG A 242 9.47 -1.46 18.41
C ARG A 242 10.32 -1.12 17.20
N THR A 243 11.47 -0.53 17.42
CA THR A 243 12.38 -0.24 16.34
C THR A 243 13.80 -0.59 16.73
N LYS A 244 14.62 -0.88 15.75
CA LYS A 244 16.02 -1.17 15.97
C LYS A 244 16.81 -0.84 14.71
N VAL A 245 17.90 -0.10 14.83
CA VAL A 245 18.85 0.05 13.72
C VAL A 245 19.71 -1.21 13.63
N LEU A 246 19.62 -1.93 12.54
CA LEU A 246 20.34 -3.18 12.37
C LEU A 246 21.80 -2.93 12.02
N VAL A 247 22.66 -3.63 12.74
CA VAL A 247 24.11 -3.57 12.51
C VAL A 247 24.57 -4.77 11.72
N LYS A 248 24.37 -5.99 12.22
CA LYS A 248 24.95 -7.21 11.64
C LYS A 248 24.39 -7.53 10.28
N ALA A 249 25.27 -7.95 9.38
CA ALA A 249 24.87 -8.33 8.05
C ALA A 249 23.96 -9.54 8.04
N ASP A 250 24.20 -10.52 8.89
CA ASP A 250 23.35 -11.70 8.92
C ASP A 250 21.94 -11.38 9.44
N GLU A 251 21.85 -10.57 10.48
CA GLU A 251 20.53 -10.17 10.97
C GLU A 251 19.81 -9.38 9.90
N PHE A 252 20.50 -8.44 9.25
CA PHE A 252 19.92 -7.65 8.16
C PHE A 252 19.35 -8.54 7.10
N GLN A 253 20.12 -9.55 6.64
CA GLN A 253 19.63 -10.44 5.60
C GLN A 253 18.47 -11.29 6.08
N ASP A 254 18.46 -11.67 7.34
CA ASP A 254 17.33 -12.44 7.87
C ASP A 254 16.06 -11.60 7.85
N VAL A 255 16.14 -10.30 8.17
CA VAL A 255 14.94 -9.44 8.11
C VAL A 255 14.49 -9.27 6.69
N VAL A 256 15.39 -9.03 5.74
CA VAL A 256 15.02 -8.94 4.34
C VAL A 256 14.30 -10.20 3.91
N ASP A 257 14.83 -11.37 4.29
CA ASP A 257 14.23 -12.64 3.87
C ASP A 257 12.84 -12.75 4.45
N LEU A 258 12.68 -12.42 5.73
CA LEU A 258 11.36 -12.50 6.37
C LEU A 258 10.35 -11.62 5.69
N ILE A 259 10.71 -10.40 5.34
CA ILE A 259 9.77 -9.53 4.65
C ILE A 259 9.43 -10.09 3.29
N LEU A 260 10.43 -10.51 2.51
CA LEU A 260 10.19 -10.85 1.12
C LEU A 260 9.52 -12.19 0.95
N ALA A 261 9.55 -13.02 1.98
CA ALA A 261 8.93 -14.33 1.93
C ALA A 261 7.42 -14.25 1.95
N GLY A 262 6.86 -13.13 2.38
CA GLY A 262 5.40 -13.02 2.44
C GLY A 262 4.87 -13.80 3.62
N ALA A 263 3.57 -13.68 3.78
CA ALA A 263 2.73 -14.41 4.72
C ALA A 263 1.24 -14.49 4.27
#